data_1MF6
#
_entry.id   1MF6
#
_entity_poly.entity_id   1
_entity_poly.type   'polypeptide(L)'
_entity_poly.pdbx_seq_one_letter_code
;DKNPFKELKGGC
;
_entity_poly.pdbx_strand_id   A
#
# COMPACT_ATOMS: atom_id res chain seq x y z
N ASP A 1 5.07 4.92 -2.34
CA ASP A 1 6.47 4.72 -2.81
C ASP A 1 6.66 3.24 -3.16
N LYS A 2 6.86 2.35 -2.14
CA LYS A 2 7.06 0.90 -2.24
C LYS A 2 6.13 0.25 -1.21
N ASN A 3 6.45 0.36 0.12
CA ASN A 3 5.67 -0.15 1.22
C ASN A 3 4.52 0.82 1.44
N PRO A 4 4.63 2.20 1.32
CA PRO A 4 3.46 3.12 1.26
C PRO A 4 2.50 3.00 0.04
N PHE A 5 2.96 2.38 -1.08
CA PHE A 5 2.19 1.93 -2.23
C PHE A 5 1.39 0.70 -1.78
N LYS A 6 2.05 -0.30 -1.11
CA LYS A 6 1.49 -1.54 -0.60
C LYS A 6 0.39 -1.31 0.44
N GLU A 7 0.35 -0.11 1.13
CA GLU A 7 -0.62 0.33 2.10
C GLU A 7 -2.02 0.39 1.47
N LEU A 8 -2.14 0.87 0.19
CA LEU A 8 -3.35 0.99 -0.63
C LEU A 8 -3.94 -0.40 -0.86
N LYS A 9 -3.08 -1.40 -1.24
CA LYS A 9 -3.42 -2.79 -1.52
C LYS A 9 -3.92 -3.48 -0.25
N GLY A 10 -3.28 -3.21 0.93
CA GLY A 10 -3.61 -3.74 2.23
C GLY A 10 -4.98 -3.32 2.69
N GLY A 11 -5.32 -2.01 2.48
CA GLY A 11 -6.56 -1.36 2.88
C GLY A 11 -7.71 -1.90 2.09
N CYS A 12 -7.56 -1.91 0.73
CA CYS A 12 -8.56 -2.27 -0.27
C CYS A 12 -8.71 -3.81 -0.34
N ASP A 1 4.37 4.93 -2.96
CA ASP A 1 5.82 5.25 -3.03
C ASP A 1 6.63 3.99 -3.25
N LYS A 2 6.69 3.06 -2.23
CA LYS A 2 7.33 1.75 -2.24
C LYS A 2 6.64 0.87 -1.21
N ASN A 3 6.82 1.18 0.11
CA ASN A 3 6.20 0.53 1.24
C ASN A 3 4.74 1.00 1.30
N PRO A 4 4.33 2.29 0.99
CA PRO A 4 2.92 2.69 0.74
C PRO A 4 2.12 2.07 -0.44
N PHE A 5 2.71 1.14 -1.25
CA PHE A 5 2.01 0.28 -2.19
C PHE A 5 1.25 -0.78 -1.39
N LYS A 6 1.93 -1.44 -0.40
CA LYS A 6 1.40 -2.43 0.52
C LYS A 6 0.27 -1.85 1.39
N GLU A 7 0.33 -0.53 1.75
CA GLU A 7 -0.62 0.20 2.57
C GLU A 7 -1.94 0.33 1.79
N LEU A 8 -1.87 0.79 0.51
CA LEU A 8 -2.96 1.12 -0.39
C LEU A 8 -3.69 -0.16 -0.77
N LYS A 9 -2.94 -1.18 -1.26
CA LYS A 9 -3.41 -2.47 -1.76
C LYS A 9 -4.03 -3.28 -0.63
N GLY A 10 -3.36 -3.29 0.57
CA GLY A 10 -3.75 -4.01 1.77
C GLY A 10 -5.05 -3.51 2.32
N GLY A 11 -5.25 -2.15 2.34
CA GLY A 11 -6.36 -1.45 2.95
C GLY A 11 -7.59 -1.69 2.13
N CYS A 12 -7.52 -1.23 0.85
CA CYS A 12 -8.57 -1.34 -0.16
C CYS A 12 -8.09 -2.25 -1.31
N ASP A 1 3.43 4.71 -2.42
CA ASP A 1 4.69 5.48 -2.65
C ASP A 1 5.77 4.53 -3.14
N LYS A 2 6.31 3.63 -2.25
CA LYS A 2 7.24 2.53 -2.54
C LYS A 2 6.80 1.37 -1.64
N ASN A 3 7.13 1.43 -0.32
CA ASN A 3 6.75 0.49 0.71
C ASN A 3 5.28 0.71 1.02
N PRO A 4 4.66 1.96 1.02
CA PRO A 4 3.19 2.19 1.03
C PRO A 4 2.32 1.72 -0.15
N PHE A 5 2.86 0.94 -1.16
CA PHE A 5 2.12 0.10 -2.09
C PHE A 5 1.47 -1.06 -1.35
N LYS A 6 2.16 -1.65 -0.33
CA LYS A 6 1.70 -2.71 0.56
C LYS A 6 0.50 -2.24 1.37
N GLU A 7 0.56 -0.98 1.91
CA GLU A 7 -0.48 -0.31 2.66
C GLU A 7 -1.68 -0.01 1.76
N LEU A 8 -1.44 0.45 0.49
CA LEU A 8 -2.41 0.83 -0.53
C LEU A 8 -3.27 -0.37 -0.91
N LYS A 9 -2.63 -1.57 -1.10
CA LYS A 9 -3.25 -2.85 -1.40
C LYS A 9 -4.10 -3.31 -0.21
N GLY A 10 -3.58 -3.14 1.04
CA GLY A 10 -4.19 -3.54 2.31
C GLY A 10 -5.50 -2.84 2.56
N GLY A 11 -5.55 -1.50 2.27
CA GLY A 11 -6.68 -0.61 2.48
C GLY A 11 -7.80 -0.96 1.55
N CYS A 12 -7.48 -1.05 0.22
CA CYS A 12 -8.39 -1.26 -0.90
C CYS A 12 -8.98 -2.69 -0.90
N ASP A 1 4.08 4.50 -2.95
CA ASP A 1 5.52 4.51 -3.32
C ASP A 1 6.00 3.07 -3.43
N LYS A 2 6.31 2.39 -2.28
CA LYS A 2 6.78 1.02 -2.16
C LYS A 2 6.02 0.38 -0.99
N ASN A 3 6.31 0.79 0.27
CA ASN A 3 5.63 0.36 1.47
C ASN A 3 4.35 1.18 1.56
N PRO A 4 4.23 2.51 1.19
CA PRO A 4 2.92 3.22 1.00
C PRO A 4 1.98 2.71 -0.13
N PHE A 5 2.55 2.01 -1.15
CA PHE A 5 1.89 1.19 -2.16
C PHE A 5 1.32 -0.04 -1.46
N LYS A 6 2.08 -0.71 -0.53
CA LYS A 6 1.69 -1.91 0.20
C LYS A 6 0.50 -1.63 1.12
N GLU A 7 0.45 -0.41 1.75
CA GLU A 7 -0.61 0.10 2.60
C GLU A 7 -1.89 0.28 1.78
N LEU A 8 -1.80 0.76 0.51
CA LEU A 8 -2.86 0.98 -0.47
C LEU A 8 -3.44 -0.37 -0.87
N LYS A 9 -2.57 -1.36 -1.23
CA LYS A 9 -2.86 -2.67 -1.77
C LYS A 9 -3.65 -3.48 -0.74
N GLY A 10 -3.15 -3.52 0.53
CA GLY A 10 -3.66 -4.29 1.63
C GLY A 10 -4.98 -3.76 2.09
N GLY A 11 -5.05 -2.41 2.32
CA GLY A 11 -6.10 -1.71 2.99
C GLY A 11 -7.29 -1.65 2.08
N CYS A 12 -7.08 -1.03 0.89
CA CYS A 12 -8.08 -0.74 -0.15
C CYS A 12 -8.04 -1.86 -1.20
N ASP A 1 7.88 5.69 -3.24
CA ASP A 1 6.66 4.84 -3.11
C ASP A 1 7.05 3.38 -3.29
N LYS A 2 6.97 2.60 -2.17
CA LYS A 2 7.28 1.17 -2.04
C LYS A 2 6.28 0.57 -1.04
N ASN A 3 6.46 0.87 0.28
CA ASN A 3 5.71 0.42 1.40
C ASN A 3 4.35 1.12 1.36
N PRO A 4 4.18 2.45 1.00
CA PRO A 4 2.85 3.10 0.84
C PRO A 4 1.91 2.65 -0.32
N PHE A 5 2.41 1.98 -1.40
CA PHE A 5 1.58 1.29 -2.39
C PHE A 5 0.99 0.02 -1.76
N LYS A 6 1.79 -0.72 -0.94
CA LYS A 6 1.46 -1.95 -0.25
C LYS A 6 0.36 -1.69 0.79
N GLU A 7 0.36 -0.49 1.46
CA GLU A 7 -0.58 -0.07 2.50
C GLU A 7 -1.95 0.13 1.89
N LEU A 8 -2.03 0.87 0.74
CA LEU A 8 -3.28 1.18 0.02
C LEU A 8 -3.90 -0.10 -0.56
N LYS A 9 -3.07 -1.04 -1.07
CA LYS A 9 -3.40 -2.34 -1.64
C LYS A 9 -4.01 -3.22 -0.54
N GLY A 10 -3.37 -3.25 0.67
CA GLY A 10 -3.72 -4.02 1.84
C GLY A 10 -5.08 -3.63 2.37
N GLY A 11 -5.34 -2.30 2.47
CA GLY A 11 -6.53 -1.65 2.98
C GLY A 11 -7.72 -1.96 2.10
N CYS A 12 -7.54 -1.85 0.75
CA CYS A 12 -8.54 -2.06 -0.29
C CYS A 12 -8.94 -3.55 -0.39
N ASP A 1 6.20 5.61 -4.22
CA ASP A 1 5.83 4.80 -3.02
C ASP A 1 6.27 3.35 -3.19
N LYS A 2 6.77 2.73 -2.07
CA LYS A 2 7.32 1.38 -1.97
C LYS A 2 6.45 0.60 -0.97
N ASN A 3 6.63 0.82 0.36
CA ASN A 3 5.90 0.21 1.45
C ASN A 3 4.58 0.96 1.55
N PRO A 4 4.44 2.34 1.41
CA PRO A 4 3.11 3.02 1.30
C PRO A 4 2.24 2.72 0.04
N PHE A 5 2.79 2.05 -1.01
CA PHE A 5 2.12 1.43 -2.13
C PHE A 5 1.36 0.20 -1.59
N LYS A 6 2.04 -0.67 -0.79
CA LYS A 6 1.54 -1.91 -0.22
C LYS A 6 0.35 -1.67 0.72
N GLU A 7 0.31 -0.50 1.43
CA GLU A 7 -0.75 -0.02 2.31
C GLU A 7 -2.05 0.17 1.53
N LEU A 8 -1.98 0.66 0.25
CA LEU A 8 -3.10 0.91 -0.66
C LEU A 8 -3.79 -0.41 -0.99
N LYS A 9 -2.98 -1.45 -1.34
CA LYS A 9 -3.40 -2.79 -1.77
C LYS A 9 -4.09 -3.49 -0.61
N GLY A 10 -3.44 -3.48 0.60
CA GLY A 10 -3.83 -4.18 1.79
C GLY A 10 -5.12 -3.66 2.35
N GLY A 11 -5.24 -2.30 2.45
CA GLY A 11 -6.30 -1.55 3.07
C GLY A 11 -7.57 -1.70 2.31
N CYS A 12 -7.50 -1.43 0.96
CA CYS A 12 -8.62 -1.42 0.03
C CYS A 12 -8.99 -2.86 -0.40
N ASP A 1 8.80 5.24 -3.84
CA ASP A 1 7.59 4.73 -3.15
C ASP A 1 7.66 3.21 -3.12
N LYS A 2 7.62 2.62 -1.88
CA LYS A 2 7.70 1.19 -1.57
C LYS A 2 6.54 0.81 -0.64
N ASN A 3 6.57 1.27 0.65
CA ASN A 3 5.68 0.90 1.72
C ASN A 3 4.33 1.52 1.46
N PRO A 4 4.14 2.81 0.96
CA PRO A 4 2.80 3.42 0.78
C PRO A 4 1.82 2.83 -0.27
N PHE A 5 2.31 2.18 -1.36
CA PHE A 5 1.49 1.52 -2.38
C PHE A 5 0.85 0.26 -1.80
N LYS A 6 1.62 -0.53 -0.99
CA LYS A 6 1.28 -1.78 -0.33
C LYS A 6 0.08 -1.61 0.60
N GLU A 7 0.01 -0.45 1.33
CA GLU A 7 -1.05 -0.04 2.23
C GLU A 7 -2.38 0.11 1.52
N LEU A 8 -2.38 0.58 0.22
CA LEU A 8 -3.55 0.89 -0.61
C LEU A 8 -4.25 -0.42 -0.92
N LYS A 9 -3.50 -1.38 -1.52
CA LYS A 9 -3.97 -2.65 -2.06
C LYS A 9 -4.44 -3.56 -0.92
N GLY A 10 -3.60 -3.69 0.14
CA GLY A 10 -3.78 -4.55 1.28
C GLY A 10 -4.95 -4.12 2.12
N GLY A 11 -5.00 -2.79 2.44
CA GLY A 11 -5.90 -2.17 3.38
C GLY A 11 -7.29 -2.17 2.83
N CYS A 12 -7.46 -1.60 1.60
CA CYS A 12 -8.73 -1.40 0.91
C CYS A 12 -9.14 -2.69 0.16
N ASP A 1 6.17 4.98 -4.75
CA ASP A 1 5.83 4.41 -3.42
C ASP A 1 6.13 2.91 -3.37
N LYS A 2 6.60 2.44 -2.17
CA LYS A 2 6.97 1.07 -1.82
C LYS A 2 6.01 0.58 -0.72
N ASN A 3 6.23 1.03 0.55
CA ASN A 3 5.50 0.62 1.72
C ASN A 3 4.17 1.37 1.73
N PRO A 4 4.00 2.68 1.29
CA PRO A 4 2.67 3.30 1.03
C PRO A 4 1.81 2.72 -0.13
N PHE A 5 2.43 1.96 -1.07
CA PHE A 5 1.82 1.12 -2.08
C PHE A 5 1.23 -0.09 -1.37
N LYS A 6 1.99 -0.75 -0.45
CA LYS A 6 1.62 -1.96 0.30
C LYS A 6 0.41 -1.71 1.20
N GLU A 7 0.33 -0.49 1.81
CA GLU A 7 -0.76 0.04 2.63
C GLU A 7 -2.04 0.16 1.78
N LEU A 8 -1.91 0.70 0.53
CA LEU A 8 -2.96 1.04 -0.40
C LEU A 8 -3.61 -0.24 -0.89
N LYS A 9 -2.80 -1.19 -1.42
CA LYS A 9 -3.24 -2.40 -2.10
C LYS A 9 -3.91 -3.35 -1.11
N GLY A 10 -3.27 -3.55 0.08
CA GLY A 10 -3.63 -4.49 1.10
C GLY A 10 -4.90 -4.06 1.78
N GLY A 11 -4.92 -2.79 2.26
CA GLY A 11 -5.91 -2.21 3.15
C GLY A 11 -7.15 -1.96 2.37
N CYS A 12 -7.03 -1.12 1.30
CA CYS A 12 -8.11 -0.67 0.42
C CYS A 12 -8.24 -1.65 -0.77
N ASP A 1 8.64 5.48 -3.86
CA ASP A 1 7.55 4.92 -3.02
C ASP A 1 7.67 3.41 -2.91
N LYS A 2 7.60 2.88 -1.65
CA LYS A 2 7.80 1.48 -1.26
C LYS A 2 6.55 1.00 -0.51
N ASN A 3 6.38 1.36 0.79
CA ASN A 3 5.42 0.83 1.72
C ASN A 3 4.06 1.36 1.33
N PRO A 4 3.82 2.70 1.01
CA PRO A 4 2.44 3.25 0.81
C PRO A 4 1.56 2.76 -0.36
N PHE A 5 2.14 2.20 -1.47
CA PHE A 5 1.40 1.56 -2.55
C PHE A 5 0.83 0.22 -2.07
N LYS A 6 1.63 -0.56 -1.29
CA LYS A 6 1.32 -1.85 -0.70
C LYS A 6 0.16 -1.72 0.30
N GLU A 7 0.09 -0.58 1.07
CA GLU A 7 -0.96 -0.21 2.00
C GLU A 7 -2.33 -0.09 1.31
N LEU A 8 -2.36 0.35 0.00
CA LEU A 8 -3.53 0.47 -0.85
C LEU A 8 -4.15 -0.90 -1.11
N LYS A 9 -3.29 -1.92 -1.42
CA LYS A 9 -3.65 -3.24 -1.91
C LYS A 9 -4.33 -4.00 -0.77
N GLY A 10 -3.66 -4.06 0.41
CA GLY A 10 -4.03 -4.84 1.57
C GLY A 10 -5.20 -4.18 2.24
N GLY A 11 -5.02 -2.89 2.63
CA GLY A 11 -5.83 -2.15 3.56
C GLY A 11 -7.12 -1.79 2.90
N CYS A 12 -7.02 -1.01 1.78
CA CYS A 12 -8.14 -0.38 1.08
C CYS A 12 -8.86 -1.41 0.17
N ASP A 1 5.17 4.26 -3.13
CA ASP A 1 6.64 4.32 -3.35
C ASP A 1 7.23 2.92 -3.18
N LYS A 2 7.29 2.40 -1.92
CA LYS A 2 7.70 1.06 -1.50
C LYS A 2 6.62 0.55 -0.53
N ASN A 3 6.57 1.08 0.74
CA ASN A 3 5.61 0.79 1.76
C ASN A 3 4.33 1.52 1.39
N PRO A 4 4.28 2.81 0.86
CA PRO A 4 3.01 3.52 0.53
C PRO A 4 2.06 2.94 -0.55
N PHE A 5 2.56 2.18 -1.57
CA PHE A 5 1.71 1.46 -2.53
C PHE A 5 1.07 0.26 -1.85
N LYS A 6 1.86 -0.49 -1.02
CA LYS A 6 1.58 -1.77 -0.41
C LYS A 6 0.40 -1.63 0.56
N GLU A 7 0.41 -0.56 1.43
CA GLU A 7 -0.55 -0.33 2.49
C GLU A 7 -1.94 -0.03 1.91
N LEU A 8 -2.02 0.76 0.79
CA LEU A 8 -3.25 1.14 0.12
C LEU A 8 -3.89 -0.07 -0.55
N LYS A 9 -3.08 -0.99 -1.15
CA LYS A 9 -3.48 -2.17 -1.89
C LYS A 9 -4.13 -3.17 -0.93
N GLY A 10 -3.45 -3.46 0.21
CA GLY A 10 -3.83 -4.38 1.24
C GLY A 10 -5.08 -3.91 1.96
N GLY A 11 -5.11 -2.60 2.33
CA GLY A 11 -6.12 -1.92 3.11
C GLY A 11 -7.45 -1.94 2.43
N CYS A 12 -7.48 -1.61 1.10
CA CYS A 12 -8.66 -1.56 0.24
C CYS A 12 -9.08 -2.99 -0.17
N ASP A 1 7.61 5.90 -3.07
CA ASP A 1 6.62 4.91 -2.56
C ASP A 1 7.11 3.48 -2.77
N LYS A 2 7.26 2.73 -1.63
CA LYS A 2 7.68 1.34 -1.52
C LYS A 2 6.66 0.62 -0.64
N ASN A 3 6.57 1.00 0.68
CA ASN A 3 5.61 0.54 1.65
C ASN A 3 4.29 1.22 1.32
N PRO A 4 4.17 2.56 0.97
CA PRO A 4 2.86 3.21 0.67
C PRO A 4 2.02 2.76 -0.55
N PHE A 5 2.59 2.03 -1.56
CA PHE A 5 1.83 1.39 -2.63
C PHE A 5 1.12 0.16 -2.06
N LYS A 6 1.85 -0.66 -1.24
CA LYS A 6 1.39 -1.91 -0.62
C LYS A 6 0.23 -1.67 0.34
N GLU A 7 0.20 -0.49 1.05
CA GLU A 7 -0.84 -0.02 1.95
C GLU A 7 -2.19 0.11 1.24
N LEU A 8 -2.21 0.47 -0.09
CA LEU A 8 -3.38 0.71 -0.93
C LEU A 8 -4.14 -0.60 -1.09
N LYS A 9 -3.41 -1.68 -1.50
CA LYS A 9 -3.91 -3.00 -1.83
C LYS A 9 -4.41 -3.68 -0.57
N GLY A 10 -3.59 -3.65 0.52
CA GLY A 10 -3.77 -4.37 1.76
C GLY A 10 -4.96 -3.86 2.51
N GLY A 11 -5.07 -2.50 2.66
CA GLY A 11 -6.02 -1.80 3.47
C GLY A 11 -7.37 -1.87 2.83
N CYS A 12 -7.45 -1.34 1.58
CA CYS A 12 -8.65 -1.17 0.78
C CYS A 12 -8.83 -2.41 -0.14
N ASP A 1 3.95 4.27 -3.25
CA ASP A 1 5.42 4.39 -3.43
C ASP A 1 6.04 2.99 -3.37
N LYS A 2 6.39 2.47 -2.15
CA LYS A 2 7.00 1.17 -1.86
C LYS A 2 6.15 0.53 -0.76
N ASN A 3 6.36 0.94 0.52
CA ASN A 3 5.61 0.51 1.69
C ASN A 3 4.28 1.26 1.66
N PRO A 4 4.14 2.58 1.25
CA PRO A 4 2.82 3.21 0.94
C PRO A 4 1.99 2.66 -0.25
N PHE A 5 2.62 1.88 -1.19
CA PHE A 5 2.00 1.08 -2.23
C PHE A 5 1.34 -0.12 -1.54
N LYS A 6 2.06 -0.83 -0.63
CA LYS A 6 1.65 -2.02 0.10
C LYS A 6 0.47 -1.71 1.03
N GLU A 7 0.44 -0.48 1.65
CA GLU A 7 -0.60 0.04 2.51
C GLU A 7 -1.90 0.23 1.71
N LEU A 8 -1.79 0.79 0.47
CA LEU A 8 -2.87 1.08 -0.47
C LEU A 8 -3.49 -0.22 -0.94
N LYS A 9 -2.66 -1.23 -1.32
CA LYS A 9 -3.03 -2.49 -1.93
C LYS A 9 -3.76 -3.34 -0.92
N GLY A 10 -3.18 -3.49 0.31
CA GLY A 10 -3.62 -4.36 1.39
C GLY A 10 -4.91 -3.85 1.97
N GLY A 11 -4.94 -2.53 2.34
CA GLY A 11 -5.98 -1.89 3.11
C GLY A 11 -7.19 -1.74 2.27
N CYS A 12 -7.03 -1.02 1.11
CA CYS A 12 -8.09 -0.66 0.16
C CYS A 12 -8.16 -1.72 -0.96
N ASP A 1 5.46 5.87 -3.45
CA ASP A 1 4.77 4.67 -2.90
C ASP A 1 5.54 3.42 -3.27
N LYS A 2 6.06 2.68 -2.24
CA LYS A 2 6.83 1.45 -2.32
C LYS A 2 6.36 0.54 -1.18
N ASN A 3 6.63 0.92 0.10
CA ASN A 3 6.08 0.32 1.29
C ASN A 3 4.71 0.95 1.48
N PRO A 4 4.43 2.29 1.24
CA PRO A 4 3.04 2.85 1.12
C PRO A 4 2.15 2.38 -0.06
N PHE A 5 2.71 1.64 -1.06
CA PHE A 5 2.02 0.87 -2.09
C PHE A 5 1.37 -0.34 -1.41
N LYS A 6 2.10 -1.07 -0.51
CA LYS A 6 1.63 -2.23 0.23
C LYS A 6 0.49 -1.86 1.19
N GLU A 7 0.53 -0.63 1.79
CA GLU A 7 -0.48 -0.03 2.63
C GLU A 7 -1.75 0.22 1.81
N LEU A 8 -1.63 0.69 0.53
CA LEU A 8 -2.68 1.04 -0.41
C LEU A 8 -3.43 -0.23 -0.79
N LYS A 9 -2.68 -1.30 -1.18
CA LYS A 9 -3.13 -2.57 -1.71
C LYS A 9 -3.90 -3.32 -0.62
N GLY A 10 -3.34 -3.38 0.61
CA GLY A 10 -3.87 -4.01 1.80
C GLY A 10 -5.16 -3.36 2.25
N GLY A 11 -5.18 -1.99 2.25
CA GLY A 11 -6.25 -1.12 2.69
C GLY A 11 -7.48 -1.29 1.84
N CYS A 12 -7.28 -1.31 0.48
CA CYS A 12 -8.31 -1.46 -0.55
C CYS A 12 -8.83 -2.92 -0.57
N ASP A 1 3.92 4.31 -3.02
CA ASP A 1 5.38 4.45 -3.23
C ASP A 1 6.02 3.07 -3.17
N LYS A 2 6.37 2.56 -1.94
CA LYS A 2 6.98 1.27 -1.63
C LYS A 2 6.09 0.62 -0.57
N ASN A 3 6.18 1.08 0.71
CA ASN A 3 5.39 0.63 1.83
C ASN A 3 4.04 1.31 1.73
N PRO A 4 3.85 2.61 1.27
CA PRO A 4 2.53 3.17 0.86
C PRO A 4 1.81 2.54 -0.36
N PHE A 5 2.52 1.76 -1.23
CA PHE A 5 2.03 0.87 -2.25
C PHE A 5 1.38 -0.34 -1.55
N LYS A 6 2.03 -0.92 -0.50
CA LYS A 6 1.54 -2.07 0.27
C LYS A 6 0.25 -1.73 1.03
N GLU A 7 0.14 -0.47 1.57
CA GLU A 7 -1.01 0.13 2.22
C GLU A 7 -2.18 0.25 1.24
N LEU A 8 -1.90 0.64 -0.04
CA LEU A 8 -2.85 0.86 -1.12
C LEU A 8 -3.49 -0.47 -1.51
N LYS A 9 -2.67 -1.54 -1.71
CA LYS A 9 -3.05 -2.83 -2.25
C LYS A 9 -3.83 -3.57 -1.18
N GLY A 10 -3.22 -3.74 0.02
CA GLY A 10 -3.66 -4.61 1.08
C GLY A 10 -4.81 -3.96 1.79
N GLY A 11 -4.55 -2.75 2.34
CA GLY A 11 -5.38 -2.07 3.30
C GLY A 11 -6.57 -1.52 2.62
N CYS A 12 -6.34 -0.65 1.59
CA CYS A 12 -7.34 0.18 0.91
C CYS A 12 -8.12 -0.63 -0.15
N ASP A 1 4.13 4.26 -3.26
CA ASP A 1 5.61 4.30 -3.49
C ASP A 1 6.17 2.89 -3.39
N LYS A 2 6.47 2.38 -2.14
CA LYS A 2 6.98 1.06 -1.81
C LYS A 2 6.13 0.50 -0.65
N ASN A 3 6.31 1.04 0.59
CA ASN A 3 5.58 0.70 1.78
C ASN A 3 4.26 1.47 1.70
N PRO A 4 4.14 2.77 1.20
CA PRO A 4 2.83 3.41 0.84
C PRO A 4 1.99 2.77 -0.29
N PHE A 5 2.63 1.98 -1.20
CA PHE A 5 2.03 1.10 -2.17
C PHE A 5 1.43 -0.11 -1.44
N LYS A 6 2.08 -0.65 -0.36
CA LYS A 6 1.72 -1.88 0.34
C LYS A 6 0.38 -1.71 1.04
N GLU A 7 0.20 -0.58 1.77
CA GLU A 7 -1.00 -0.20 2.49
C GLU A 7 -2.15 0.10 1.53
N LEU A 8 -1.86 0.63 0.29
CA LEU A 8 -2.79 1.01 -0.75
C LEU A 8 -3.47 -0.24 -1.28
N LYS A 9 -2.69 -1.30 -1.62
CA LYS A 9 -3.17 -2.55 -2.18
C LYS A 9 -3.90 -3.35 -1.11
N GLY A 10 -3.26 -3.50 0.09
CA GLY A 10 -3.61 -4.43 1.13
C GLY A 10 -4.87 -4.00 1.80
N GLY A 11 -4.85 -2.75 2.34
CA GLY A 11 -5.83 -2.19 3.24
C GLY A 11 -7.06 -1.85 2.45
N CYS A 12 -6.88 -0.95 1.45
CA CYS A 12 -7.92 -0.36 0.61
C CYS A 12 -8.23 -1.32 -0.57
#